data_1S9S
#
_entry.id   1S9S
#
_entity_poly.entity_id   1
_entity_poly.type   'polyribonucleotide'
_entity_poly.pdbx_seq_one_letter_code
;GGCGGUACUAGUUGAGAAACUAGCUCUGUAUCUGGCGGACCCGUGGUGGAACUGUGAAGUUCGGAACACCCGGCCGCAAC
CCUGGGAGAGGUCCCAGGGUU
;
_entity_poly.pdbx_strand_id   A
#